data_6CK5
#
_entry.id   6CK5
#
_cell.length_a   33.977
_cell.length_b   89.575
_cell.length_c   136.367
_cell.angle_alpha   90.000
_cell.angle_beta   96.900
_cell.angle_gamma   90.000
#
_symmetry.space_group_name_H-M   'P 1 21 1'
#
loop_
_entity.id
_entity.type
_entity.pdbx_description
1 polymer 'PRPP riboswitch'
2 non-polymer 'BARIUM ION'
3 non-polymer 'MAGNESIUM ION'
4 non-polymer 'POTASSIUM ION'
5 non-polymer 1-O-pyrophosphono-5-O-phosphono-alpha-D-ribofuranose
6 water water
#
_entity_poly.entity_id   1
_entity_poly.type   'polyribonucleotide'
_entity_poly.pdbx_seq_one_letter_code
;GUGAAAGUGUACCUAGGGUUCCAGCCUAUUUGUAGGUGUUCGGACCGAGCGGUACAGGUAUAUUUUUAUAUACCACACCU
UAGGGACAAAAGCCCGGGAGGAUAGGUUUCACUCGUA
;
_entity_poly.pdbx_strand_id   A,B
#
loop_
_chem_comp.id
_chem_comp.type
_chem_comp.name
_chem_comp.formula
A RNA linking ADENOSINE-5'-MONOPHOSPHATE 'C10 H14 N5 O7 P'
BA non-polymer 'BARIUM ION' 'Ba 2'
C RNA linking CYTIDINE-5'-MONOPHOSPHATE 'C9 H14 N3 O8 P'
G RNA linking GUANOSINE-5'-MONOPHOSPHATE 'C10 H14 N5 O8 P'
K non-polymer 'POTASSIUM ION' 'K 1'
MG non-polymer 'MAGNESIUM ION' 'Mg 2'
PRP D-saccharide 1-O-pyrophosphono-5-O-phosphono-alpha-D-ribofuranose 'C5 H13 O14 P3'
U RNA linking URIDINE-5'-MONOPHOSPHATE 'C9 H13 N2 O9 P'
#
# COMPACT_ATOMS: atom_id res chain seq x y z
BA BA C . 27.51 -22.97 -3.23
BA BA D . 26.86 -15.56 -2.10
BA BA E . 28.59 -11.11 -4.62
BA BA F . 25.47 -24.00 -8.75
BA BA G . 8.76 -10.17 -3.27
BA BA H . 16.52 -2.73 -3.14
BA BA I . 25.09 -9.90 -11.08
BA BA J . 22.55 -18.83 9.54
BA BA K . 30.68 -33.20 -17.54
BA BA L . 1.59 -4.67 15.06
BA BA M . 0.25 -4.31 14.12
BA BA N . 33.75 -1.08 -21.25
MG MG O . 38.06 -29.27 -20.30
MG MG P . 36.53 -34.64 -15.97
MG MG Q . 36.17 -24.32 -8.34
K K R . 33.12 -29.10 -3.99
C1 PRP S . 32.85 -27.05 -9.74
C2 PRP S . 32.25 -25.85 -10.49
C3 PRP S . 32.35 -24.73 -9.46
C4 PRP S . 32.31 -25.50 -8.14
C5 PRP S . 31.10 -25.06 -7.32
O1 PRP S . 34.25 -26.88 -9.53
O2 PRP S . 32.89 -25.54 -11.73
O3 PRP S . 33.57 -23.98 -9.49
O4 PRP S . 32.25 -26.92 -8.45
O5 PRP S . 29.94 -25.51 -8.04
P PRP S . 28.55 -24.82 -7.86
O1P PRP S . 28.74 -23.62 -6.95
O2P PRP S . 28.08 -24.37 -9.25
O3P PRP S . 27.78 -25.98 -7.23
PA PRP S . 35.56 -27.58 -10.19
O1A PRP S . 36.66 -27.03 -9.25
O2A PRP S . 35.39 -29.08 -10.37
O3A PRP S . 35.70 -26.94 -11.68
PB PRP S . 36.50 -25.56 -11.81
O1B PRP S . 35.45 -24.56 -11.24
O2B PRP S . 36.77 -25.43 -13.30
O3B PRP S . 37.79 -25.65 -11.00
BA BA T . -26.82 25.22 6.68
BA BA U . -9.10 18.07 21.55
BA BA V . -15.77 27.90 9.26
BA BA W . -30.50 22.74 2.71
BA BA X . -33.09 30.67 7.52
BA BA Y . 9.05 13.11 5.53
BA BA Z . 8.56 13.06 3.69
BA BA AA . -11.85 10.14 0.79
MG MG BA . -24.59 15.66 13.72
MG MG CA . -23.64 20.14 10.95
MG MG DA . -47.49 22.16 5.64
MG MG EA . -35.97 25.36 11.36
MG MG FA . -51.36 21.80 20.39
K K GA . -26.45 10.53 8.93
K K HA . -12.94 7.09 9.79
C1 PRP IA . -36.03 26.53 6.61
C2 PRP IA . -35.89 25.14 6.02
C3 PRP IA . -34.89 24.49 6.99
C4 PRP IA . -34.09 25.70 7.54
C5 PRP IA . -32.63 25.96 7.11
O1 PRP IA . -36.85 26.54 7.78
O2 PRP IA . -37.16 24.47 5.80
O3 PRP IA . -35.51 23.69 8.02
O4 PRP IA . -34.74 26.89 7.08
O5 PRP IA . -31.94 24.83 6.63
P PRP IA . -31.32 24.64 5.17
O1P PRP IA . -32.42 23.93 4.36
O2P PRP IA . -30.87 25.97 4.61
O3P PRP IA . -30.17 23.75 5.54
PA PRP IA . -38.35 27.09 7.78
O1A PRP IA . -38.52 27.94 9.04
O2A PRP IA . -38.57 27.66 6.38
O3A PRP IA . -39.25 25.76 8.00
PB PRP IA . -39.27 24.88 9.36
O1B PRP IA . -39.84 25.65 10.53
O2B PRP IA . -40.13 23.72 8.90
O3B PRP IA . -37.80 24.59 9.63
#